data_1STF
#
_entry.id   1STF
#
_cell.length_a   67.000
_cell.length_b   67.000
_cell.length_c   169.300
_cell.angle_alpha   90.00
_cell.angle_beta   90.00
_cell.angle_gamma   120.00
#
_symmetry.space_group_name_H-M   'P 31 2 1'
#
loop_
_entity.id
_entity.type
_entity.pdbx_description
1 polymer PAPAIN
2 polymer 'STEFIN B (CYSTATIN B)'
3 water water
#
loop_
_entity_poly.entity_id
_entity_poly.type
_entity_poly.pdbx_seq_one_letter_code
_entity_poly.pdbx_strand_id
1 'polypeptide(L)'
;IPEYVDWRQKGAVTPVKNQGSCGS(CCS)WAFSAVVTIEGIIKIRTGNLNQYSEQELLDCDRRSYGCNGGYPWSALQLVA
QYGIHYRNTYPYEGVQRYCRSREKGPYAAKTDGVRQVQPYNQGALLYSIANQPVSVVLQAAGKDFQLYRGGIFVGPCGNK
VDHAVAAVGYGPNYILIKNSWGTGWGENGYIRIKRGTGNSYGVCGLYTSSFYPVKN
;
E
2 'polypeptide(L)'
;MMSGAPSATQPATAETQHIADQVRSQLEEKYNKKFPVFKAVSFKSQVVAGTNYFIKVHVGDEDFVHLRVFQSLPHENKPL
TLSNYQTNKAKHDELTYF
;
I
#
# COMPACT_ATOMS: atom_id res chain seq x y z
N ILE A 1 -29.75 0.72 7.06
CA ILE A 1 -28.59 1.51 6.58
C ILE A 1 -28.96 2.36 5.36
N PRO A 2 -28.34 3.51 5.24
CA PRO A 2 -28.70 4.52 4.21
C PRO A 2 -28.41 4.03 2.80
N GLU A 3 -28.86 4.78 1.80
CA GLU A 3 -28.52 4.41 0.41
C GLU A 3 -27.09 4.82 0.13
N TYR A 4 -26.77 5.91 0.76
CA TYR A 4 -25.48 6.55 0.54
C TYR A 4 -24.80 6.83 1.87
N VAL A 5 -23.53 6.49 1.95
CA VAL A 5 -22.68 6.98 3.05
C VAL A 5 -21.43 7.64 2.46
N ASP A 6 -21.01 8.82 2.96
CA ASP A 6 -19.75 9.48 2.60
C ASP A 6 -19.17 10.19 3.82
N TRP A 7 -18.22 9.52 4.44
CA TRP A 7 -17.66 10.03 5.72
C TRP A 7 -16.91 11.34 5.56
N ARG A 8 -16.56 11.63 4.32
CA ARG A 8 -15.93 12.90 4.02
C ARG A 8 -16.96 13.98 4.34
N GLN A 9 -18.16 13.73 3.90
CA GLN A 9 -19.25 14.71 4.06
C GLN A 9 -19.62 14.81 5.53
N LYS A 10 -19.14 13.89 6.33
CA LYS A 10 -19.34 14.12 7.75
C LYS A 10 -18.04 14.52 8.46
N GLY A 11 -17.08 15.06 7.70
CA GLY A 11 -15.89 15.67 8.29
C GLY A 11 -14.94 14.65 8.90
N ALA A 12 -15.15 13.35 8.60
CA ALA A 12 -14.39 12.27 9.30
C ALA A 12 -13.14 11.85 8.57
N VAL A 13 -12.85 12.46 7.41
CA VAL A 13 -11.74 11.92 6.57
C VAL A 13 -10.73 13.02 6.26
N THR A 14 -9.46 12.77 6.54
CA THR A 14 -8.36 13.75 6.34
C THR A 14 -7.84 13.64 4.91
N PRO A 15 -6.98 14.55 4.48
CA PRO A 15 -6.60 14.63 3.06
C PRO A 15 -5.92 13.35 2.64
N VAL A 16 -5.96 13.16 1.34
CA VAL A 16 -5.30 12.07 0.61
C VAL A 16 -3.77 12.20 0.70
N LYS A 17 -3.11 11.10 1.08
CA LYS A 17 -1.64 11.04 1.32
C LYS A 17 -0.96 10.21 0.21
N ASN A 18 0.32 10.12 0.29
CA ASN A 18 1.08 9.38 -0.69
C ASN A 18 2.16 8.55 0.02
N GLN A 19 2.08 7.26 -0.18
CA GLN A 19 2.93 6.36 0.53
C GLN A 19 4.30 6.28 -0.10
N GLY A 20 4.38 6.78 -1.32
CA GLY A 20 5.66 6.82 -2.04
C GLY A 20 6.11 5.43 -2.49
N SER A 21 7.40 5.17 -2.33
CA SER A 21 8.00 3.93 -2.82
C SER A 21 8.22 2.87 -1.75
N CYS A 22 7.62 3.09 -0.60
CA CYS A 22 7.64 2.13 0.52
C CYS A 22 6.34 1.34 0.48
N GLY A 23 6.40 0.06 0.76
CA GLY A 23 5.21 -0.81 0.92
C GLY A 23 4.51 -0.66 2.28
N SER A 24 4.09 0.56 2.60
CA SER A 24 3.55 0.92 3.91
C SER A 24 2.04 1.15 3.85
N TRP A 26 -0.42 -0.65 4.57
CA TRP A 26 -1.10 -1.29 5.71
C TRP A 26 -1.11 -0.29 6.88
N ALA A 27 -0.05 0.57 6.99
CA ALA A 27 0.11 1.63 7.96
C ALA A 27 -0.91 2.71 7.64
N PHE A 28 -0.96 3.02 6.35
CA PHE A 28 -1.88 4.05 5.79
C PHE A 28 -3.36 3.71 5.95
N SER A 29 -3.67 2.51 5.60
CA SER A 29 -5.00 2.03 5.69
C SER A 29 -5.53 2.12 7.14
N ALA A 30 -4.69 1.65 8.05
CA ALA A 30 -4.99 1.64 9.48
C ALA A 30 -5.28 3.05 10.01
N VAL A 31 -4.38 3.99 9.72
CA VAL A 31 -4.48 5.39 10.11
C VAL A 31 -5.80 6.09 9.69
N VAL A 32 -6.34 5.77 8.52
CA VAL A 32 -7.62 6.37 8.07
C VAL A 32 -8.75 5.91 8.99
N THR A 33 -8.72 4.66 9.37
CA THR A 33 -9.75 4.19 10.25
C THR A 33 -9.63 4.77 11.68
N ILE A 34 -8.37 4.96 12.16
CA ILE A 34 -8.06 5.63 13.46
C ILE A 34 -8.60 7.07 13.42
N GLU A 35 -8.27 7.84 12.38
CA GLU A 35 -8.74 9.22 12.24
C GLU A 35 -10.28 9.31 12.17
N GLY A 36 -10.88 8.31 11.56
CA GLY A 36 -12.33 8.23 11.41
C GLY A 36 -12.99 7.90 12.75
N ILE A 37 -12.62 6.82 13.43
CA ILE A 37 -13.29 6.52 14.73
C ILE A 37 -13.13 7.66 15.77
N ILE A 38 -11.98 8.33 15.77
CA ILE A 38 -11.71 9.38 16.79
C ILE A 38 -12.60 10.59 16.46
N LYS A 39 -12.77 10.93 15.22
CA LYS A 39 -13.65 12.05 14.91
C LYS A 39 -15.06 11.70 15.30
N ILE A 40 -15.48 10.51 14.95
CA ILE A 40 -16.84 10.05 15.21
C ILE A 40 -17.08 10.05 16.71
N ARG A 41 -16.07 9.73 17.47
CA ARG A 41 -16.29 9.62 18.91
C ARG A 41 -16.09 10.95 19.62
N THR A 42 -15.17 11.77 19.16
CA THR A 42 -14.75 12.94 19.94
C THR A 42 -15.20 14.27 19.34
N GLY A 43 -15.61 14.24 18.10
CA GLY A 43 -15.97 15.50 17.45
C GLY A 43 -14.71 16.09 16.86
N ASN A 44 -13.58 15.43 17.00
CA ASN A 44 -12.35 16.04 16.45
C ASN A 44 -11.73 15.23 15.33
N LEU A 45 -11.38 15.93 14.25
CA LEU A 45 -10.65 15.32 13.12
C LEU A 45 -9.18 15.68 13.14
N ASN A 46 -8.34 14.69 13.49
CA ASN A 46 -6.88 14.84 13.59
C ASN A 46 -6.21 13.94 12.55
N GLN A 47 -4.90 14.22 12.33
CA GLN A 47 -4.07 13.33 11.59
C GLN A 47 -3.11 12.58 12.48
N TYR A 48 -3.13 11.24 12.37
CA TYR A 48 -2.22 10.38 13.13
C TYR A 48 -1.12 9.75 12.26
N SER A 49 -0.04 9.36 12.91
CA SER A 49 1.21 9.00 12.28
C SER A 49 1.20 7.60 11.67
N GLU A 50 1.26 7.50 10.33
CA GLU A 50 1.57 6.22 9.60
C GLU A 50 3.02 5.77 9.88
N GLN A 51 3.95 6.75 10.00
CA GLN A 51 5.38 6.43 10.15
C GLN A 51 5.67 5.72 11.50
N GLU A 52 4.89 6.02 12.50
CA GLU A 52 4.97 5.28 13.75
C GLU A 52 4.55 3.81 13.61
N LEU A 53 3.50 3.55 12.88
CA LEU A 53 3.18 2.12 12.74
C LEU A 53 4.25 1.39 11.93
N LEU A 54 4.75 2.06 10.97
CA LEU A 54 5.79 1.48 10.11
C LEU A 54 7.04 1.10 10.91
N ASP A 55 7.55 2.04 11.74
CA ASP A 55 8.70 1.82 12.62
C ASP A 55 8.37 0.83 13.72
N CYS A 56 7.16 0.88 14.19
CA CYS A 56 6.90 0.24 15.49
C CYS A 56 6.14 -1.07 15.47
N ASP A 57 5.45 -1.37 14.42
CA ASP A 57 4.77 -2.66 14.39
C ASP A 57 5.78 -3.74 14.01
N ARG A 58 6.09 -4.53 15.00
CA ARG A 58 7.07 -5.62 14.85
C ARG A 58 6.51 -6.97 14.40
N ARG A 59 5.22 -7.02 14.07
CA ARG A 59 4.61 -8.16 13.37
C ARG A 59 4.60 -7.89 11.88
N SER A 60 4.86 -6.66 11.51
CA SER A 60 4.92 -6.24 10.12
C SER A 60 6.38 -6.01 9.73
N TYR A 61 6.64 -5.87 8.43
CA TYR A 61 7.98 -5.90 7.87
C TYR A 61 8.34 -4.56 7.23
N GLY A 62 7.90 -3.48 7.83
CA GLY A 62 8.27 -2.14 7.32
C GLY A 62 7.81 -1.86 5.89
N CYS A 63 8.78 -1.52 5.07
CA CYS A 63 8.46 -1.18 3.66
C CYS A 63 8.33 -2.42 2.80
N ASN A 64 8.55 -3.57 3.40
CA ASN A 64 8.49 -4.88 2.75
C ASN A 64 7.12 -5.52 3.01
N GLY A 65 6.14 -4.74 3.43
CA GLY A 65 4.79 -5.30 3.58
C GLY A 65 4.38 -5.42 5.04
N GLY A 66 3.11 -5.70 5.29
CA GLY A 66 2.67 -5.94 6.66
C GLY A 66 1.15 -5.87 6.81
N TYR A 67 0.64 -5.89 8.06
CA TYR A 67 -0.79 -6.20 8.32
C TYR A 67 -1.52 -5.03 8.97
N PRO A 68 -2.66 -4.68 8.43
CA PRO A 68 -3.53 -3.67 9.08
C PRO A 68 -4.05 -4.14 10.43
N TRP A 69 -4.22 -5.41 10.60
CA TRP A 69 -4.78 -5.84 11.88
C TRP A 69 -3.73 -5.60 12.96
N SER A 70 -2.45 -5.93 12.69
CA SER A 70 -1.49 -5.82 13.79
C SER A 70 -1.15 -4.35 14.04
N ALA A 71 -1.37 -3.58 12.99
CA ALA A 71 -1.16 -2.16 13.12
C ALA A 71 -2.31 -1.57 13.93
N LEU A 72 -3.50 -2.07 13.76
CA LEU A 72 -4.64 -1.55 14.56
C LEU A 72 -4.53 -2.01 16.03
N GLN A 73 -3.93 -3.15 16.20
CA GLN A 73 -3.70 -3.75 17.50
C GLN A 73 -2.70 -2.95 18.33
N LEU A 74 -1.61 -2.54 17.68
CA LEU A 74 -0.60 -1.70 18.29
C LEU A 74 -1.22 -0.45 18.94
N VAL A 75 -2.16 0.20 18.23
CA VAL A 75 -2.88 1.40 18.66
C VAL A 75 -3.89 1.06 19.76
N ALA A 76 -4.34 -0.20 19.83
CA ALA A 76 -5.27 -0.56 20.90
C ALA A 76 -4.50 -0.99 22.14
N GLN A 77 -3.23 -1.26 21.95
CA GLN A 77 -2.48 -1.73 23.10
C GLN A 77 -1.73 -0.58 23.76
N TYR A 78 -1.27 0.33 22.93
CA TYR A 78 -0.40 1.40 23.36
C TYR A 78 -1.07 2.73 23.04
N GLY A 79 -1.05 3.10 21.77
CA GLY A 79 -1.66 4.37 21.33
C GLY A 79 -0.98 4.84 20.03
N ILE A 80 -1.30 6.06 19.66
CA ILE A 80 -0.67 6.72 18.53
C ILE A 80 -0.46 8.22 18.79
N HIS A 81 0.64 8.71 18.23
CA HIS A 81 0.99 10.12 18.11
C HIS A 81 0.34 10.80 16.92
N TYR A 82 0.38 12.08 16.94
CA TYR A 82 -0.04 12.90 15.83
C TYR A 82 1.02 12.83 14.74
N ARG A 83 0.48 12.98 13.53
CA ARG A 83 1.27 12.92 12.28
C ARG A 83 2.33 14.02 12.28
N ASN A 84 1.93 15.21 12.78
CA ASN A 84 2.85 16.37 12.82
C ASN A 84 4.03 16.10 13.72
N THR A 85 3.81 15.26 14.72
CA THR A 85 4.80 14.87 15.72
C THR A 85 5.71 13.78 15.19
N TYR A 86 5.10 12.90 14.41
CA TYR A 86 5.91 11.75 13.95
C TYR A 86 5.65 11.59 12.44
N PRO A 87 6.25 12.47 11.69
CA PRO A 87 5.97 12.59 10.24
C PRO A 87 6.55 11.50 9.33
N TYR A 88 5.86 11.32 8.24
CA TYR A 88 6.16 10.28 7.27
C TYR A 88 7.46 10.58 6.55
N GLU A 89 8.31 9.61 6.57
CA GLU A 89 9.61 9.67 5.89
C GLU A 89 9.75 8.67 4.73
N GLY A 90 8.88 7.68 4.63
CA GLY A 90 8.87 6.81 3.45
C GLY A 90 9.95 5.75 3.51
N VAL A 91 10.49 5.61 4.70
CA VAL A 91 11.53 4.61 4.93
C VAL A 91 11.40 4.17 6.39
N GLN A 92 11.58 2.90 6.68
CA GLN A 92 11.48 2.43 8.06
C GLN A 92 12.71 2.86 8.86
N ARG A 93 12.54 3.55 9.95
CA ARG A 93 13.69 3.80 10.83
C ARG A 93 13.48 3.06 12.13
N TYR A 94 14.23 3.36 13.18
CA TYR A 94 13.85 2.82 14.50
C TYR A 94 12.58 3.44 15.13
N CYS A 95 11.98 2.73 16.02
CA CYS A 95 10.72 3.20 16.59
C CYS A 95 10.92 4.29 17.66
N ARG A 96 10.42 5.44 17.35
CA ARG A 96 10.73 6.63 18.13
C ARG A 96 9.60 7.12 19.06
N SER A 97 8.63 6.25 19.32
CA SER A 97 7.48 6.62 20.12
C SER A 97 7.93 7.22 21.46
N ARG A 98 8.76 6.51 22.15
CA ARG A 98 9.12 6.88 23.52
C ARG A 98 9.82 8.22 23.62
N GLU A 99 10.40 8.62 22.54
CA GLU A 99 11.05 9.88 22.59
C GLU A 99 10.18 10.93 21.96
N LYS A 100 8.90 10.64 21.87
CA LYS A 100 7.91 11.69 21.48
C LYS A 100 6.84 11.99 22.53
N GLY A 101 7.16 11.61 23.78
CA GLY A 101 6.27 11.80 24.92
C GLY A 101 5.02 10.93 24.78
N PRO A 102 3.99 11.33 25.43
CA PRO A 102 2.83 10.45 25.50
C PRO A 102 2.06 10.40 24.17
N TYR A 103 1.42 9.28 23.88
CA TYR A 103 0.52 9.07 22.74
C TYR A 103 -0.59 10.10 22.70
N ALA A 104 -0.92 10.58 21.54
CA ALA A 104 -2.03 11.57 21.48
C ALA A 104 -3.37 10.91 21.78
N ALA A 105 -3.53 9.63 21.39
CA ALA A 105 -4.83 8.93 21.55
C ALA A 105 -4.62 7.43 21.50
N LYS A 106 -5.69 6.69 21.72
CA LYS A 106 -5.65 5.22 21.79
C LYS A 106 -7.04 4.71 21.37
N THR A 107 -7.13 3.48 20.91
CA THR A 107 -8.42 2.82 20.62
C THR A 107 -8.68 1.67 21.61
N ASP A 108 -9.90 1.14 21.71
CA ASP A 108 -10.12 0.00 22.63
C ASP A 108 -9.71 -1.38 22.05
N GLY A 109 -9.82 -1.57 20.75
CA GLY A 109 -9.49 -2.84 20.09
C GLY A 109 -9.67 -2.78 18.58
N VAL A 110 -9.74 -3.96 18.01
CA VAL A 110 -9.96 -4.19 16.56
C VAL A 110 -11.07 -5.20 16.32
N ARG A 111 -11.97 -4.96 15.43
CA ARG A 111 -12.77 -6.09 14.97
C ARG A 111 -12.58 -6.36 13.47
N GLN A 112 -12.91 -7.56 13.10
CA GLN A 112 -12.90 -8.10 11.73
C GLN A 112 -14.30 -8.25 11.19
N VAL A 113 -14.46 -7.74 10.00
CA VAL A 113 -15.76 -7.95 9.33
C VAL A 113 -15.81 -9.38 8.87
N GLN A 114 -16.95 -9.96 8.91
CA GLN A 114 -17.16 -11.27 8.24
C GLN A 114 -16.86 -11.19 6.71
N PRO A 115 -15.83 -11.94 6.29
CA PRO A 115 -15.30 -11.86 4.90
C PRO A 115 -16.29 -12.42 3.89
N TYR A 116 -16.06 -12.05 2.66
CA TYR A 116 -16.82 -12.47 1.49
C TYR A 116 -18.29 -12.13 1.62
N ASN A 117 -18.56 -11.05 2.29
CA ASN A 117 -19.94 -10.75 2.59
C ASN A 117 -20.18 -9.25 2.42
N GLN A 118 -20.79 -8.92 1.32
CA GLN A 118 -20.97 -7.52 0.94
C GLN A 118 -21.75 -6.74 1.95
N GLY A 119 -22.83 -7.35 2.43
CA GLY A 119 -23.80 -6.68 3.32
C GLY A 119 -23.14 -6.35 4.65
N ALA A 120 -22.36 -7.35 5.11
CA ALA A 120 -21.53 -7.28 6.34
C ALA A 120 -20.59 -6.08 6.24
N LEU A 121 -19.97 -5.98 5.07
CA LEU A 121 -19.06 -4.88 4.85
C LEU A 121 -19.82 -3.57 4.90
N LEU A 122 -20.99 -3.49 4.27
CA LEU A 122 -21.68 -2.18 4.15
C LEU A 122 -22.22 -1.71 5.50
N TYR A 123 -22.58 -2.66 6.30
CA TYR A 123 -23.10 -2.28 7.60
C TYR A 123 -22.01 -1.60 8.46
N SER A 124 -20.85 -2.19 8.46
CA SER A 124 -19.67 -1.64 9.15
C SER A 124 -19.26 -0.27 8.63
N ILE A 125 -19.34 -0.10 7.28
CA ILE A 125 -19.00 1.23 6.65
C ILE A 125 -20.09 2.25 7.01
N ALA A 126 -21.30 1.79 7.20
CA ALA A 126 -22.31 2.73 7.67
C ALA A 126 -21.99 3.22 9.11
N ASN A 127 -21.14 2.49 9.85
CA ASN A 127 -20.70 2.91 11.21
C ASN A 127 -19.43 3.76 11.28
N GLN A 128 -18.50 3.45 10.45
CA GLN A 128 -17.22 4.16 10.44
C GLN A 128 -16.42 3.64 9.24
N PRO A 129 -15.36 4.35 8.97
CA PRO A 129 -14.40 3.93 7.90
C PRO A 129 -13.67 2.61 8.19
N VAL A 130 -13.63 1.71 7.21
CA VAL A 130 -13.13 0.35 7.41
C VAL A 130 -11.88 0.10 6.56
N SER A 131 -11.02 -0.75 7.07
CA SER A 131 -9.81 -1.12 6.35
C SER A 131 -10.08 -2.35 5.50
N VAL A 132 -9.93 -2.19 4.17
CA VAL A 132 -10.23 -3.30 3.25
C VAL A 132 -9.02 -3.56 2.38
N VAL A 133 -8.94 -4.74 1.81
CA VAL A 133 -7.84 -5.01 0.85
C VAL A 133 -8.34 -5.21 -0.60
N LEU A 134 -7.52 -4.96 -1.59
CA LEU A 134 -7.86 -5.26 -3.00
C LEU A 134 -6.63 -5.67 -3.79
N GLN A 135 -6.84 -6.05 -5.03
CA GLN A 135 -5.71 -6.30 -5.94
C GLN A 135 -5.40 -5.08 -6.80
N ALA A 136 -4.26 -4.43 -6.55
CA ALA A 136 -3.91 -3.14 -7.15
C ALA A 136 -2.76 -3.25 -8.19
N ALA A 137 -2.19 -4.47 -8.28
CA ALA A 137 -1.07 -4.82 -9.20
C ALA A 137 -1.38 -4.53 -10.67
N GLY A 138 -2.61 -4.74 -11.11
CA GLY A 138 -3.06 -4.49 -12.51
C GLY A 138 -2.91 -3.08 -13.09
N LYS A 139 -2.69 -3.05 -14.39
CA LYS A 139 -2.45 -1.81 -15.15
C LYS A 139 -3.70 -0.98 -15.29
N ASP A 140 -4.82 -1.66 -15.39
CA ASP A 140 -6.09 -0.90 -15.42
C ASP A 140 -6.35 -0.19 -14.10
N PHE A 141 -6.09 -0.90 -12.97
CA PHE A 141 -6.17 -0.27 -11.64
C PHE A 141 -5.24 0.97 -11.56
N GLN A 142 -4.01 0.72 -11.89
CA GLN A 142 -3.07 1.84 -11.87
C GLN A 142 -3.44 2.95 -12.82
N LEU A 143 -4.18 2.59 -13.86
CA LEU A 143 -4.46 3.58 -14.92
C LEU A 143 -5.75 4.30 -14.59
N TYR A 144 -6.48 3.76 -13.62
CA TYR A 144 -7.78 4.37 -13.25
C TYR A 144 -7.74 5.89 -13.12
N ARG A 145 -8.68 6.52 -13.79
CA ARG A 145 -8.80 7.99 -13.66
C ARG A 145 -10.21 8.50 -13.35
N GLY A 146 -11.13 7.59 -13.08
CA GLY A 146 -12.48 8.03 -12.70
C GLY A 146 -13.59 7.06 -13.14
N GLY A 147 -14.73 7.15 -12.46
CA GLY A 147 -15.88 6.30 -12.73
C GLY A 147 -16.03 5.10 -11.80
N ILE A 148 -16.90 4.19 -12.17
CA ILE A 148 -17.08 3.06 -11.28
C ILE A 148 -16.36 1.84 -11.82
N PHE A 149 -15.28 1.50 -11.13
CA PHE A 149 -14.37 0.45 -11.54
C PHE A 149 -14.99 -0.96 -11.53
N VAL A 150 -14.99 -1.62 -12.68
CA VAL A 150 -15.62 -2.93 -12.66
C VAL A 150 -14.52 -3.91 -13.01
N GLY A 151 -13.37 -3.33 -13.18
CA GLY A 151 -12.25 -4.18 -13.56
C GLY A 151 -11.65 -3.71 -14.90
N PRO A 152 -10.79 -4.51 -15.45
CA PRO A 152 -10.44 -5.81 -14.86
C PRO A 152 -9.38 -5.80 -13.73
N CYS A 153 -9.55 -6.80 -12.91
CA CYS A 153 -8.70 -7.10 -11.76
C CYS A 153 -9.08 -8.48 -11.23
N GLY A 154 -8.05 -9.13 -10.69
CA GLY A 154 -8.23 -10.44 -10.07
C GLY A 154 -8.36 -10.30 -8.56
N ASN A 155 -8.30 -11.40 -7.88
CA ASN A 155 -8.49 -11.37 -6.44
C ASN A 155 -7.24 -11.86 -5.72
N LYS A 156 -6.12 -11.57 -6.36
CA LYS A 156 -4.80 -11.68 -5.69
C LYS A 156 -4.42 -10.37 -5.01
N VAL A 157 -5.09 -10.19 -3.86
CA VAL A 157 -5.10 -8.96 -3.07
C VAL A 157 -3.74 -8.65 -2.44
N ASP A 158 -3.27 -7.42 -2.67
CA ASP A 158 -1.89 -7.04 -2.38
C ASP A 158 -1.76 -5.67 -1.70
N HIS A 159 -2.88 -5.02 -1.58
CA HIS A 159 -2.91 -3.60 -1.22
C HIS A 159 -4.11 -3.29 -0.27
N ALA A 160 -3.84 -2.72 0.91
CA ALA A 160 -4.78 -2.28 1.96
C ALA A 160 -5.11 -0.80 1.78
N VAL A 161 -6.40 -0.55 1.68
CA VAL A 161 -6.96 0.81 1.48
C VAL A 161 -8.09 1.03 2.51
N ALA A 162 -8.79 2.12 2.43
CA ALA A 162 -9.86 2.28 3.41
C ALA A 162 -11.15 2.62 2.67
N ALA A 163 -12.23 1.95 3.08
CA ALA A 163 -13.59 2.19 2.56
C ALA A 163 -14.23 3.33 3.35
N VAL A 164 -14.45 4.46 2.75
CA VAL A 164 -14.91 5.65 3.48
C VAL A 164 -16.37 5.98 3.14
N GLY A 165 -17.04 5.08 2.46
CA GLY A 165 -18.42 5.33 2.11
C GLY A 165 -18.88 4.37 0.99
N TYR A 166 -20.18 4.42 0.65
CA TYR A 166 -20.86 3.58 -0.37
C TYR A 166 -22.07 4.24 -1.01
N GLY A 167 -22.42 3.70 -2.17
CA GLY A 167 -23.69 4.07 -2.72
C GLY A 167 -24.31 2.79 -3.27
N PRO A 168 -25.39 3.01 -4.01
CA PRO A 168 -26.18 1.94 -4.58
C PRO A 168 -25.34 0.91 -5.32
N ASN A 169 -24.31 1.34 -5.99
CA ASN A 169 -23.55 0.39 -6.86
C ASN A 169 -22.05 0.62 -6.84
N TYR A 170 -21.64 1.41 -5.93
CA TYR A 170 -20.23 1.36 -5.65
C TYR A 170 -19.96 1.25 -4.12
N ILE A 171 -18.68 1.08 -3.79
CA ILE A 171 -18.08 1.38 -2.49
C ILE A 171 -16.90 2.36 -2.68
N LEU A 172 -16.94 3.54 -2.04
CA LEU A 172 -15.96 4.63 -2.13
C LEU A 172 -14.73 4.30 -1.26
N ILE A 173 -13.54 4.29 -1.87
CA ILE A 173 -12.23 3.95 -1.28
C ILE A 173 -11.30 5.18 -1.30
N LYS A 174 -10.59 5.42 -0.20
CA LYS A 174 -9.49 6.37 -0.11
C LYS A 174 -8.23 5.55 -0.29
N ASN A 175 -7.42 5.93 -1.25
CA ASN A 175 -6.16 5.28 -1.64
C ASN A 175 -5.01 6.20 -1.20
N SER A 176 -3.81 5.68 -1.18
CA SER A 176 -2.67 6.39 -0.63
C SER A 176 -1.67 6.72 -1.74
N TRP A 177 -2.18 7.18 -2.84
CA TRP A 177 -1.27 7.30 -3.99
C TRP A 177 -1.15 8.74 -4.41
N GLY A 178 -1.63 9.66 -3.63
CA GLY A 178 -1.67 11.04 -4.11
C GLY A 178 -3.06 11.38 -4.66
N THR A 179 -3.29 12.63 -4.80
CA THR A 179 -4.60 13.07 -5.35
C THR A 179 -4.59 13.10 -6.88
N GLY A 180 -3.44 12.94 -7.46
CA GLY A 180 -3.37 12.96 -8.91
C GLY A 180 -3.69 11.58 -9.49
N TRP A 181 -4.10 10.68 -8.62
CA TRP A 181 -4.57 9.38 -9.11
C TRP A 181 -6.10 9.34 -8.98
N GLY A 182 -6.79 8.77 -9.95
CA GLY A 182 -8.18 8.47 -9.84
C GLY A 182 -8.91 9.75 -9.59
N GLU A 183 -9.96 9.62 -8.79
CA GLU A 183 -10.88 10.73 -8.49
C GLU A 183 -10.40 11.58 -7.30
N ASN A 184 -9.30 12.31 -7.50
CA ASN A 184 -8.62 13.07 -6.43
C ASN A 184 -8.09 12.19 -5.30
N GLY A 185 -7.61 11.04 -5.66
CA GLY A 185 -7.10 10.12 -4.65
C GLY A 185 -8.13 9.07 -4.29
N TYR A 186 -9.35 9.19 -4.79
CA TYR A 186 -10.41 8.20 -4.47
C TYR A 186 -10.70 7.27 -5.63
N ILE A 187 -11.27 6.13 -5.37
CA ILE A 187 -11.80 5.29 -6.48
C ILE A 187 -13.13 4.70 -6.05
N ARG A 188 -14.13 4.73 -6.92
CA ARG A 188 -15.42 4.05 -6.67
C ARG A 188 -15.47 2.73 -7.41
N ILE A 189 -15.61 1.69 -6.65
CA ILE A 189 -15.39 0.34 -7.17
C ILE A 189 -16.74 -0.34 -7.15
N LYS A 190 -17.09 -1.12 -8.20
CA LYS A 190 -18.44 -1.69 -8.35
C LYS A 190 -18.82 -2.69 -7.25
N ARG A 191 -20.05 -2.64 -6.79
CA ARG A 191 -20.53 -3.69 -5.89
C ARG A 191 -21.86 -4.25 -6.40
N GLY A 192 -22.33 -5.36 -5.86
CA GLY A 192 -23.58 -5.93 -6.35
C GLY A 192 -23.42 -6.96 -7.49
N THR A 193 -22.21 -7.42 -7.77
CA THR A 193 -22.00 -8.30 -8.93
C THR A 193 -22.35 -9.75 -8.66
N GLY A 194 -22.59 -10.10 -7.40
CA GLY A 194 -22.83 -11.50 -6.98
C GLY A 194 -21.50 -12.22 -6.80
N ASN A 195 -20.41 -11.55 -7.17
CA ASN A 195 -19.06 -12.06 -6.89
C ASN A 195 -18.73 -11.81 -5.41
N SER A 196 -18.38 -12.93 -4.80
CA SER A 196 -18.31 -13.06 -3.35
C SER A 196 -16.94 -12.70 -2.78
N TYR A 197 -15.91 -12.76 -3.61
CA TYR A 197 -14.60 -12.16 -3.33
C TYR A 197 -14.69 -10.64 -3.32
N GLY A 198 -15.73 -10.14 -3.99
CA GLY A 198 -15.88 -8.74 -4.34
C GLY A 198 -15.05 -8.44 -5.60
N VAL A 199 -15.26 -7.25 -6.09
CA VAL A 199 -14.46 -6.75 -7.22
C VAL A 199 -13.07 -6.36 -6.72
N CYS A 200 -12.08 -6.95 -7.37
CA CYS A 200 -10.64 -6.81 -7.07
C CYS A 200 -10.34 -7.39 -5.69
N GLY A 201 -11.24 -8.26 -5.25
CA GLY A 201 -10.95 -9.07 -4.07
C GLY A 201 -11.43 -8.31 -2.86
N LEU A 202 -12.13 -7.22 -3.10
CA LEU A 202 -12.52 -6.22 -2.09
C LEU A 202 -13.06 -6.79 -0.76
N TYR A 203 -13.64 -8.02 -0.76
CA TYR A 203 -14.32 -8.59 0.45
C TYR A 203 -13.45 -9.65 1.09
N THR A 204 -12.22 -9.67 0.72
CA THR A 204 -11.30 -10.61 1.34
C THR A 204 -11.01 -10.41 2.84
N SER A 205 -10.54 -9.22 3.20
CA SER A 205 -9.91 -9.03 4.54
C SER A 205 -10.11 -7.63 5.11
N SER A 206 -11.05 -7.51 6.02
CA SER A 206 -11.50 -6.19 6.49
C SER A 206 -11.59 -6.06 8.01
N PHE A 207 -10.92 -5.04 8.53
CA PHE A 207 -10.85 -4.73 9.97
C PHE A 207 -11.24 -3.31 10.29
N TYR A 208 -11.81 -3.10 11.45
CA TYR A 208 -12.05 -1.73 11.91
C TYR A 208 -11.71 -1.60 13.38
N PRO A 209 -11.29 -0.40 13.78
CA PRO A 209 -11.01 -0.16 15.19
C PRO A 209 -12.30 -0.05 16.04
N VAL A 210 -12.26 -0.58 17.25
CA VAL A 210 -13.35 -0.37 18.25
C VAL A 210 -12.95 0.72 19.27
N LYS A 211 -13.77 1.69 19.53
CA LYS A 211 -13.38 2.77 20.42
C LYS A 211 -14.69 3.31 20.98
N ASN A 212 -15.09 2.84 22.15
CA ASN A 212 -16.44 3.07 22.68
C ASN A 212 -17.57 2.68 21.72
N MET B 1 -4.67 -10.40 3.09
CA MET B 1 -4.05 -10.34 4.47
C MET B 1 -2.78 -9.46 4.59
N MET B 2 -1.60 -10.14 4.37
CA MET B 2 -0.25 -9.53 4.16
C MET B 2 -0.12 -8.63 2.93
N SER B 3 -0.22 -7.31 3.10
CA SER B 3 -0.30 -6.34 2.03
C SER B 3 1.09 -5.75 1.79
N GLY B 4 1.49 -5.60 0.55
CA GLY B 4 2.69 -4.81 0.26
C GLY B 4 3.96 -5.64 0.09
N ALA B 5 3.82 -6.94 0.02
CA ALA B 5 5.01 -7.78 -0.22
C ALA B 5 5.28 -7.96 -1.71
N PRO B 6 6.56 -8.05 -2.11
CA PRO B 6 6.86 -8.38 -3.50
C PRO B 6 6.21 -9.71 -3.94
N SER B 7 6.02 -9.81 -5.20
CA SER B 7 5.59 -11.06 -5.82
C SER B 7 6.66 -12.14 -5.71
N ALA B 8 6.26 -13.35 -6.04
CA ALA B 8 7.23 -14.41 -6.27
C ALA B 8 8.02 -14.19 -7.56
N THR B 9 9.17 -14.81 -7.55
CA THR B 9 10.16 -14.60 -8.59
C THR B 9 9.64 -15.20 -9.88
N GLN B 10 9.56 -14.31 -10.80
CA GLN B 10 9.14 -14.55 -12.14
C GLN B 10 10.34 -14.35 -13.06
N PRO B 11 10.32 -15.05 -14.17
CA PRO B 11 11.49 -15.05 -15.06
C PRO B 11 11.28 -13.96 -16.08
N ALA B 12 12.42 -13.37 -16.41
CA ALA B 12 12.38 -12.08 -17.10
C ALA B 12 11.60 -12.15 -18.41
N THR B 13 10.89 -11.10 -18.71
CA THR B 13 10.32 -10.94 -20.05
C THR B 13 11.08 -9.89 -20.84
N ALA B 14 10.45 -9.45 -21.90
CA ALA B 14 11.10 -8.46 -22.74
C ALA B 14 10.99 -7.13 -22.02
N GLU B 15 9.92 -7.06 -21.23
CA GLU B 15 9.63 -5.86 -20.41
C GLU B 15 10.71 -5.74 -19.35
N THR B 16 11.04 -6.89 -18.81
CA THR B 16 12.04 -6.99 -17.76
C THR B 16 13.36 -6.48 -18.32
N GLN B 17 13.66 -6.93 -19.52
CA GLN B 17 14.94 -6.55 -20.10
C GLN B 17 14.90 -5.10 -20.51
N HIS B 18 13.75 -4.61 -20.88
CA HIS B 18 13.80 -3.21 -21.28
C HIS B 18 13.99 -2.26 -20.12
N ILE B 19 13.37 -2.63 -19.01
CA ILE B 19 13.41 -1.90 -17.74
C ILE B 19 14.85 -1.89 -17.24
N ALA B 20 15.51 -3.04 -17.25
CA ALA B 20 16.95 -3.12 -16.91
C ALA B 20 17.79 -2.17 -17.79
N ASP B 21 17.54 -2.28 -19.10
CA ASP B 21 18.39 -1.62 -20.07
C ASP B 21 18.23 -0.15 -19.94
N GLN B 22 17.09 0.30 -19.47
CA GLN B 22 16.87 1.75 -19.16
C GLN B 22 17.79 2.33 -18.07
N VAL B 23 18.29 1.45 -17.26
CA VAL B 23 18.86 1.86 -15.97
C VAL B 23 20.33 1.45 -15.98
N ARG B 24 20.69 0.70 -17.03
CA ARG B 24 22.05 0.19 -17.25
C ARG B 24 23.13 1.24 -16.95
N SER B 25 22.91 2.38 -17.46
CA SER B 25 23.98 3.36 -17.44
C SER B 25 24.16 3.96 -16.06
N GLN B 26 23.04 4.17 -15.43
CA GLN B 26 23.02 4.70 -14.06
C GLN B 26 23.84 3.78 -13.17
N LEU B 27 23.69 2.48 -13.36
CA LEU B 27 24.46 1.48 -12.60
C LEU B 27 25.95 1.73 -12.85
N GLU B 28 26.21 1.79 -14.15
CA GLU B 28 27.58 1.70 -14.62
C GLU B 28 28.37 2.90 -14.13
N GLU B 29 27.62 3.98 -14.05
CA GLU B 29 28.14 5.28 -13.59
C GLU B 29 28.29 5.33 -12.07
N LYS B 30 27.40 4.64 -11.35
CA LYS B 30 27.55 4.54 -9.89
C LYS B 30 28.58 3.52 -9.52
N TYR B 31 28.65 2.44 -10.26
CA TYR B 31 29.59 1.39 -9.86
C TYR B 31 31.04 1.64 -10.35
N ASN B 32 31.18 2.58 -11.26
CA ASN B 32 32.48 2.82 -11.94
C ASN B 32 32.98 1.56 -12.67
N LYS B 33 32.02 0.87 -13.28
CA LYS B 33 32.22 -0.41 -14.01
C LYS B 33 31.33 -0.48 -15.24
N LYS B 34 31.94 -0.90 -16.32
CA LYS B 34 31.12 -1.13 -17.51
C LYS B 34 30.78 -2.59 -17.63
N PHE B 35 29.50 -2.86 -17.75
CA PHE B 35 29.07 -4.23 -17.89
C PHE B 35 28.84 -4.48 -19.37
N PRO B 36 29.75 -5.27 -19.96
CA PRO B 36 29.65 -5.77 -21.40
C PRO B 36 28.36 -6.54 -21.75
N VAL B 37 28.00 -7.47 -20.86
CA VAL B 37 26.78 -8.29 -20.82
C VAL B 37 25.81 -7.77 -19.75
N PHE B 38 24.51 -7.70 -20.07
CA PHE B 38 23.48 -7.13 -19.18
C PHE B 38 22.14 -7.84 -19.37
N LYS B 39 22.14 -9.06 -18.95
CA LYS B 39 20.94 -9.82 -19.20
C LYS B 39 20.03 -10.11 -18.00
N ALA B 40 18.85 -9.53 -18.07
CA ALA B 40 17.78 -9.84 -17.10
C ALA B 40 17.53 -11.34 -17.07
N VAL B 41 17.57 -11.88 -15.90
CA VAL B 41 17.27 -13.29 -15.68
C VAL B 41 15.95 -13.44 -14.89
N SER B 42 15.82 -12.75 -13.80
CA SER B 42 14.61 -12.90 -12.98
C SER B 42 14.05 -11.56 -12.51
N PHE B 43 12.83 -11.65 -11.96
CA PHE B 43 12.17 -10.53 -11.30
C PHE B 43 11.14 -10.85 -10.23
N LYS B 44 10.93 -9.82 -9.39
CA LYS B 44 9.82 -9.60 -8.47
C LYS B 44 9.31 -8.19 -8.62
N SER B 45 8.09 -8.10 -8.32
CA SER B 45 7.46 -6.81 -8.26
C SER B 45 6.93 -6.54 -6.86
N GLN B 46 6.81 -5.25 -6.54
CA GLN B 46 5.91 -4.87 -5.46
C GLN B 46 5.24 -3.57 -5.82
N VAL B 47 3.98 -3.54 -5.47
CA VAL B 47 3.06 -2.42 -5.68
C VAL B 47 3.15 -1.41 -4.52
N VAL B 48 3.66 -0.23 -4.81
CA VAL B 48 3.79 0.91 -3.90
C VAL B 48 2.98 2.03 -4.53
N ALA B 49 3.35 3.30 -4.35
CA ALA B 49 2.72 4.37 -5.13
C ALA B 49 3.35 4.44 -6.53
N GLY B 50 3.41 3.31 -7.20
CA GLY B 50 4.25 3.06 -8.38
C GLY B 50 4.61 1.58 -8.36
N THR B 51 5.72 1.21 -8.92
CA THR B 51 6.14 -0.20 -8.86
C THR B 51 7.64 -0.30 -8.66
N ASN B 52 8.02 -1.07 -7.63
CA ASN B 52 9.43 -1.44 -7.45
C ASN B 52 9.66 -2.74 -8.22
N TYR B 53 10.70 -2.76 -9.03
CA TYR B 53 11.10 -4.03 -9.62
C TYR B 53 12.40 -4.48 -9.01
N PHE B 54 12.45 -5.74 -8.67
CA PHE B 54 13.71 -6.32 -8.12
C PHE B 54 14.25 -7.30 -9.15
N ILE B 55 15.35 -6.95 -9.78
CA ILE B 55 15.75 -7.66 -11.01
C ILE B 55 17.10 -8.34 -10.89
N LYS B 56 17.19 -9.61 -11.17
CA LYS B 56 18.50 -10.27 -11.22
C LYS B 56 19.02 -10.23 -12.66
N VAL B 57 20.12 -9.57 -12.82
CA VAL B 57 20.67 -9.38 -14.15
C VAL B 57 22.00 -10.14 -14.27
N HIS B 58 22.12 -11.01 -15.30
CA HIS B 58 23.38 -11.75 -15.54
C HIS B 58 24.41 -10.88 -16.25
N VAL B 59 25.50 -10.62 -15.58
CA VAL B 59 26.23 -9.42 -16.04
C VAL B 59 27.62 -9.81 -16.59
N GLY B 60 27.88 -11.04 -16.43
CA GLY B 60 29.25 -11.27 -16.17
C GLY B 60 29.57 -12.63 -16.68
N ASP B 61 29.99 -13.45 -15.81
CA ASP B 61 30.60 -14.70 -16.23
C ASP B 61 29.78 -15.74 -15.54
N GLU B 62 30.03 -15.80 -14.26
CA GLU B 62 29.05 -16.48 -13.42
C GLU B 62 28.55 -15.44 -12.40
N ASP B 63 28.72 -14.19 -12.80
CA ASP B 63 28.60 -12.98 -12.00
C ASP B 63 27.34 -12.18 -12.37
N PHE B 64 26.58 -11.89 -11.28
CA PHE B 64 25.25 -11.25 -11.30
C PHE B 64 25.18 -10.00 -10.43
N VAL B 65 24.21 -9.19 -10.72
CA VAL B 65 23.92 -8.03 -9.90
C VAL B 65 22.40 -7.94 -9.72
N HIS B 66 21.88 -7.55 -8.54
CA HIS B 66 20.40 -7.34 -8.32
C HIS B 66 20.05 -5.84 -8.30
N LEU B 67 18.96 -5.48 -8.95
CA LEU B 67 18.59 -4.09 -9.19
C LEU B 67 17.32 -3.76 -8.45
N ARG B 68 17.24 -2.57 -7.91
CA ARG B 68 15.93 -2.17 -7.37
C ARG B 68 15.49 -0.96 -8.15
N VAL B 69 14.48 -1.13 -9.00
CA VAL B 69 14.17 -0.08 -9.96
C VAL B 69 12.80 0.52 -9.67
N PHE B 70 12.70 1.82 -9.56
CA PHE B 70 11.39 2.47 -9.33
C PHE B 70 10.74 2.90 -10.64
N GLN B 71 9.52 2.42 -10.84
CA GLN B 71 8.64 2.90 -11.87
C GLN B 71 7.42 3.64 -11.26
N SER B 72 7.26 4.90 -11.65
CA SER B 72 6.15 5.79 -11.26
C SER B 72 4.77 5.34 -11.77
N LEU B 73 3.75 5.96 -11.18
CA LEU B 73 2.38 5.86 -11.70
C LEU B 73 2.39 6.58 -13.03
N PRO B 74 1.65 5.94 -13.91
CA PRO B 74 1.58 6.34 -15.33
C PRO B 74 1.39 7.84 -15.51
N HIS B 75 0.49 8.35 -14.72
CA HIS B 75 0.14 9.75 -14.86
C HIS B 75 1.27 10.70 -14.48
N GLU B 76 2.36 10.11 -14.04
CA GLU B 76 3.45 10.93 -13.58
C GLU B 76 4.60 11.10 -14.52
N ASN B 77 4.69 10.14 -15.41
CA ASN B 77 5.58 10.28 -16.56
C ASN B 77 6.99 10.66 -16.11
N LYS B 78 7.44 9.95 -15.11
CA LYS B 78 8.84 10.13 -14.64
C LYS B 78 9.61 8.93 -15.15
N PRO B 79 10.84 9.18 -15.45
CA PRO B 79 11.68 8.10 -15.96
C PRO B 79 12.02 7.05 -14.88
N LEU B 80 12.41 5.88 -15.31
CA LEU B 80 12.74 4.78 -14.41
C LEU B 80 13.97 5.17 -13.57
N THR B 81 13.95 4.82 -12.30
CA THR B 81 15.13 5.15 -11.48
C THR B 81 15.74 3.92 -10.83
N LEU B 82 17.04 3.82 -10.83
CA LEU B 82 17.75 2.78 -10.08
C LEU B 82 17.86 3.23 -8.61
N SER B 83 16.94 2.85 -7.75
CA SER B 83 16.92 3.30 -6.36
C SER B 83 18.10 2.69 -5.64
N ASN B 84 18.41 1.45 -5.88
CA ASN B 84 19.52 0.72 -5.24
C ASN B 84 19.99 -0.48 -6.11
N TYR B 85 21.16 -1.01 -5.79
CA TYR B 85 21.71 -2.26 -6.38
C TYR B 85 22.55 -3.03 -5.36
N GLN B 86 22.65 -4.31 -5.68
CA GLN B 86 23.51 -5.30 -5.02
C GLN B 86 24.44 -5.99 -6.02
N THR B 87 25.68 -6.10 -5.58
CA THR B 87 26.79 -6.57 -6.40
C THR B 87 27.32 -7.89 -5.85
N ASN B 88 28.07 -8.58 -6.69
CA ASN B 88 28.82 -9.78 -6.35
C ASN B 88 27.84 -10.85 -5.93
N LYS B 89 26.82 -10.92 -6.73
CA LYS B 89 25.68 -11.78 -6.40
C LYS B 89 25.76 -13.06 -7.24
N ALA B 90 25.12 -14.12 -6.83
CA ALA B 90 25.24 -15.41 -7.53
C ALA B 90 23.97 -15.80 -8.25
N LYS B 91 24.13 -16.70 -9.20
CA LYS B 91 23.03 -17.23 -10.03
C LYS B 91 21.90 -17.65 -9.11
N HIS B 92 22.33 -18.29 -8.02
CA HIS B 92 21.44 -18.97 -7.05
C HIS B 92 21.15 -18.17 -5.80
N ASP B 93 21.63 -16.94 -5.76
CA ASP B 93 21.21 -16.07 -4.67
C ASP B 93 19.79 -15.65 -5.00
N GLU B 94 18.94 -15.67 -3.96
CA GLU B 94 17.52 -15.30 -4.02
C GLU B 94 17.38 -13.79 -4.16
N LEU B 95 16.42 -13.44 -5.00
CA LEU B 95 16.08 -12.03 -5.15
C LEU B 95 15.33 -11.62 -3.89
N THR B 96 15.92 -10.93 -2.99
CA THR B 96 15.11 -10.60 -1.81
C THR B 96 14.89 -9.10 -1.78
N TYR B 97 14.09 -8.66 -0.85
CA TYR B 97 13.81 -7.21 -0.68
C TYR B 97 15.03 -6.54 -0.03
N PHE B 98 15.33 -5.33 -0.52
CA PHE B 98 16.40 -4.43 -0.01
C PHE B 98 16.06 -3.00 -0.38
#